data_6W2P
#
_entry.id   6W2P
#
_cell.length_a   44.387
_cell.length_b   61.780
_cell.length_c   72.278
_cell.angle_alpha   83.706
_cell.angle_beta   78.557
_cell.angle_gamma   88.020
#
_symmetry.space_group_name_H-M   'P 1'
#
loop_
_entity.id
_entity.type
_entity.pdbx_description
1 polymer 'DNA-(apurinic or apyrimidinic site) lyase'
2 polymer "DNA (5'-D(P*(3DR)P*CP*GP*AP*CP*GP*GP*AP*TP*CP*C)-3')"
3 polymer "DNA (5'-D(*GP*CP*TP*GP*AP*TP*GP*CP*GP*C)-3')"
4 polymer "DNA (5'-D(*GP*GP*AP*TP*CP*CP*GP*TP*CP*GP*AP*TP*CP*GP*CP*AP*TP*CP*AP*GP*C)-3')"
5 non-polymer 'MAGNESIUM ION'
6 non-polymer 1,2-ETHANEDIOL
7 water water
#
loop_
_entity_poly.entity_id
_entity_poly.type
_entity_poly.pdbx_seq_one_letter_code
_entity_poly.pdbx_strand_id
1 'polypeptide(L)'
;ALYEDPPDQKTSPSGKPATLKICSWNVDGLRAWIKKKGLDWVKEEAPDILCLQETKCSENKRPAELQELPGLSHQYWSAP
SDKEGYSGVGLLSRQCPLKVSYGIGDEEHDQEGRVIVAEFDSFVLVTAYVPNAGRGLVRLEYRQRWDEAFRKFLKGLASR
KPLVLCGDLNVAHEEIDLRNPKGNKKNAGFTPQERQGFGELLQAVPLADSFRHLYPNTPYAYTFWTYMMNARSKNVGWRL
DYFLLSHSLLPALCDSKIRSKALGSDHCPITLYLAL
;
A,B
2 'polydeoxyribonucleotide' (3DR)(DC)(DG)(DA)(DC)(DG)(DG)(DA)(DT)(DC)(DC) D
3 'polydeoxyribonucleotide' (DG)(DC)(DT)(DG)(DA)(DT)(DG)(DC)(DG)(DC) P
4 'polydeoxyribonucleotide'
;(DG)(DG)(DA)(DT)(DC)(DC)(DG)(DT)(DC)(DG)(DA)(DT)(DC)(DG)(DC)(DA)(DT)(DC)(DA)(DG)
(DC)
;
V
#
loop_
_chem_comp.id
_chem_comp.type
_chem_comp.name
_chem_comp.formula
3DR DNA linking 1',2'-DIDEOXYRIBOFURANOSE-5'-PHOSPHATE 'C5 H11 O6 P'
DA DNA linking 2'-DEOXYADENOSINE-5'-MONOPHOSPHATE 'C10 H14 N5 O6 P'
DC DNA linking 2'-DEOXYCYTIDINE-5'-MONOPHOSPHATE 'C9 H14 N3 O7 P'
DG DNA linking 2'-DEOXYGUANOSINE-5'-MONOPHOSPHATE 'C10 H14 N5 O7 P'
DT DNA linking THYMIDINE-5'-MONOPHOSPHATE 'C10 H15 N2 O8 P'
EDO non-polymer 1,2-ETHANEDIOL 'C2 H6 O2'
MG non-polymer 'MAGNESIUM ION' 'Mg 2'
#
# COMPACT_ATOMS: atom_id res chain seq x y z
N ALA A 1 16.54 5.41 39.49
CA ALA A 1 15.26 5.32 40.19
C ALA A 1 14.20 4.69 39.28
N LEU A 2 13.35 3.83 39.86
CA LEU A 2 12.29 3.24 39.08
C LEU A 2 11.17 4.26 38.86
N TYR A 3 10.25 3.90 37.98
CA TYR A 3 9.15 4.77 37.59
C TYR A 3 7.85 3.98 37.61
N GLU A 4 6.77 4.62 38.10
CA GLU A 4 5.42 4.06 37.98
C GLU A 4 4.49 5.11 37.37
N ASP A 5 4.04 4.84 36.15
CA ASP A 5 3.11 5.71 35.45
C ASP A 5 1.89 5.98 36.33
N PRO A 6 1.39 7.21 36.37
CA PRO A 6 0.19 7.52 37.18
C PRO A 6 -1.03 6.80 36.64
N PRO A 7 -2.13 6.78 37.42
CA PRO A 7 -3.37 6.16 36.92
C PRO A 7 -3.87 6.85 35.67
N ASP A 8 -4.56 6.08 34.83
CA ASP A 8 -5.19 6.61 33.62
C ASP A 8 -6.19 7.72 33.93
N GLN A 9 -5.94 8.91 33.41
CA GLN A 9 -6.91 9.99 33.50
C GLN A 9 -7.78 9.92 32.24
N LYS A 10 -9.06 9.57 32.38
CA LYS A 10 -9.92 9.31 31.22
C LYS A 10 -10.89 10.43 30.98
N THR A 11 -10.66 11.58 31.60
CA THR A 11 -11.51 12.74 31.51
C THR A 11 -10.67 13.94 31.13
N SER A 12 -11.19 14.74 30.19
CA SER A 12 -10.53 15.97 29.76
C SER A 12 -10.48 17.01 30.88
N PRO A 13 -9.61 18.02 30.77
CA PRO A 13 -9.56 19.03 31.84
C PRO A 13 -10.89 19.73 32.07
N SER A 14 -11.77 19.77 31.07
CA SER A 14 -13.07 20.40 31.20
C SER A 14 -14.15 19.40 31.60
N GLY A 15 -13.79 18.15 31.85
CA GLY A 15 -14.74 17.16 32.30
C GLY A 15 -15.32 16.26 31.23
N LYS A 16 -14.77 16.26 30.02
CA LYS A 16 -15.38 15.40 29.00
C LYS A 16 -14.73 14.02 29.01
N PRO A 17 -15.53 12.97 28.85
CA PRO A 17 -14.99 11.61 28.90
C PRO A 17 -14.23 11.28 27.63
N ALA A 18 -13.17 10.52 27.77
CA ALA A 18 -12.42 10.07 26.60
C ALA A 18 -13.28 9.18 25.72
N THR A 19 -13.15 9.35 24.40
CA THR A 19 -13.89 8.57 23.43
C THR A 19 -12.99 7.77 22.48
N LEU A 20 -11.69 8.01 22.53
CA LEU A 20 -10.74 7.45 21.57
C LEU A 20 -9.48 7.08 22.32
N LYS A 21 -9.07 5.82 22.18
CA LYS A 21 -7.89 5.29 22.83
C LYS A 21 -6.93 4.83 21.76
N ILE A 22 -5.72 5.42 21.70
CA ILE A 22 -4.72 5.04 20.69
C ILE A 22 -3.48 4.45 21.37
N CYS A 23 -3.00 3.33 20.85
CA CYS A 23 -1.84 2.68 21.40
C CYS A 23 -0.75 2.60 20.35
N SER A 24 0.48 2.91 20.74
CA SER A 24 1.58 2.86 19.79
C SER A 24 2.69 2.02 20.39
N TRP A 25 3.33 1.19 19.57
CA TRP A 25 4.28 0.21 20.10
C TRP A 25 5.30 -0.17 19.03
N ASN A 26 6.58 0.10 19.32
CA ASN A 26 7.70 -0.48 18.57
C ASN A 26 7.90 -1.89 19.09
N VAL A 27 7.54 -2.87 18.25
CA VAL A 27 7.45 -4.25 18.71
C VAL A 27 8.76 -4.99 18.52
N ASP A 28 9.75 -4.37 17.86
CA ASP A 28 11.05 -4.99 17.64
C ASP A 28 10.90 -6.40 17.06
N GLY A 29 10.20 -6.47 15.93
CA GLY A 29 9.96 -7.74 15.27
C GLY A 29 8.59 -8.30 15.59
N LEU A 30 7.66 -8.15 14.63
CA LEU A 30 6.27 -8.53 14.82
C LEU A 30 6.14 -10.01 15.17
N ARG A 31 6.85 -10.87 14.45
CA ARG A 31 6.70 -12.31 14.69
C ARG A 31 7.21 -12.68 16.07
N ALA A 32 8.35 -12.13 16.47
CA ALA A 32 8.88 -12.40 17.81
C ALA A 32 8.00 -11.82 18.90
N TRP A 33 7.49 -10.60 18.68
CA TRP A 33 6.65 -9.95 19.68
C TRP A 33 5.39 -10.76 19.94
N ILE A 34 4.80 -11.34 18.90
CA ILE A 34 3.63 -12.18 19.07
C ILE A 34 3.99 -13.43 19.89
N LYS A 35 5.14 -14.05 19.61
CA LYS A 35 5.54 -15.22 20.39
C LYS A 35 5.76 -14.85 21.86
N LYS A 36 6.15 -13.61 22.15
CA LYS A 36 6.33 -13.16 23.52
C LYS A 36 5.05 -12.58 24.12
N LYS A 37 3.90 -12.87 23.51
CA LYS A 37 2.56 -12.60 24.04
C LYS A 37 2.16 -11.13 23.93
N GLY A 38 2.83 -10.38 23.07
CA GLY A 38 2.49 -8.98 22.90
C GLY A 38 1.03 -8.76 22.56
N LEU A 39 0.46 -9.66 21.73
CA LEU A 39 -0.94 -9.49 21.34
C LEU A 39 -1.88 -9.73 22.51
N ASP A 40 -1.51 -10.58 23.46
CA ASP A 40 -2.32 -10.72 24.66
C ASP A 40 -2.40 -9.39 25.40
N TRP A 41 -1.29 -8.66 25.46
CA TRP A 41 -1.32 -7.35 26.10
C TRP A 41 -2.20 -6.36 25.33
N VAL A 42 -2.15 -6.38 24.00
CA VAL A 42 -2.98 -5.49 23.21
C VAL A 42 -4.47 -5.75 23.49
N LYS A 43 -4.84 -7.01 23.67
CA LYS A 43 -6.25 -7.31 23.90
C LYS A 43 -6.73 -6.75 25.23
N GLU A 44 -5.88 -6.81 26.25
CA GLU A 44 -6.22 -6.22 27.55
C GLU A 44 -6.29 -4.70 27.45
N GLU A 45 -5.41 -4.10 26.65
CA GLU A 45 -5.44 -2.65 26.49
C GLU A 45 -6.64 -2.18 25.69
N ALA A 46 -7.11 -3.01 24.76
CA ALA A 46 -8.31 -2.75 23.96
C ALA A 46 -8.37 -1.37 23.32
N PRO A 47 -7.31 -0.95 22.61
CA PRO A 47 -7.36 0.37 21.97
C PRO A 47 -8.30 0.39 20.76
N ASP A 48 -8.78 1.60 20.45
CA ASP A 48 -9.50 1.81 19.18
C ASP A 48 -8.57 1.76 17.98
N ILE A 49 -7.34 2.22 18.15
CA ILE A 49 -6.35 2.22 17.07
C ILE A 49 -5.04 1.73 17.65
N LEU A 50 -4.35 0.85 16.90
CA LEU A 50 -3.06 0.33 17.32
C LEU A 50 -2.05 0.62 16.21
N CYS A 51 -0.96 1.29 16.58
CA CYS A 51 0.13 1.62 15.66
C CYS A 51 1.38 0.85 16.07
N LEU A 52 2.01 0.18 15.09
CA LEU A 52 3.17 -0.68 15.34
C LEU A 52 4.36 -0.23 14.51
N GLN A 53 5.55 -0.27 15.11
CA GLN A 53 6.76 0.06 14.39
C GLN A 53 7.76 -1.08 14.51
N GLU A 54 8.68 -1.14 13.54
CA GLU A 54 9.68 -2.21 13.46
C GLU A 54 9.02 -3.58 13.39
N THR A 55 8.05 -3.72 12.49
CA THR A 55 7.40 -5.00 12.33
C THR A 55 8.36 -6.06 11.78
N LYS A 56 9.31 -5.66 10.93
CA LYS A 56 10.30 -6.58 10.35
C LYS A 56 9.63 -7.79 9.72
N CYS A 57 8.59 -7.53 8.92
CA CYS A 57 7.72 -8.62 8.47
C CYS A 57 6.98 -8.20 7.22
N SER A 58 7.10 -8.98 6.15
CA SER A 58 6.37 -8.70 4.92
C SER A 58 4.90 -9.08 5.09
N GLU A 59 4.16 -8.75 4.02
CA GLU A 59 2.74 -9.00 3.84
C GLU A 59 2.25 -10.45 3.78
N ASN A 60 3.15 -11.38 3.50
CA ASN A 60 2.77 -12.79 3.44
C ASN A 60 3.06 -13.50 4.76
N LYS A 61 4.06 -13.00 5.47
CA LYS A 61 4.50 -13.55 6.76
C LYS A 61 3.84 -13.09 8.06
N ARG A 62 2.82 -12.22 7.99
CA ARG A 62 2.16 -11.78 9.21
C ARG A 62 1.36 -12.92 9.83
N PRO A 63 1.58 -13.18 11.12
CA PRO A 63 0.87 -14.25 11.84
C PRO A 63 -0.65 -14.16 11.73
N ALA A 64 -1.29 -15.31 11.59
CA ALA A 64 -2.75 -15.40 11.45
C ALA A 64 -3.51 -14.68 12.57
N GLU A 65 -3.00 -14.83 13.80
CA GLU A 65 -3.54 -14.20 15.00
C GLU A 65 -3.90 -12.74 14.76
N LEU A 66 -3.16 -12.08 13.87
CA LEU A 66 -3.34 -10.66 13.66
C LEU A 66 -4.62 -10.36 12.89
N GLN A 67 -4.92 -11.16 11.88
CA GLN A 67 -6.16 -10.90 11.16
C GLN A 67 -7.36 -11.10 12.09
N GLU A 68 -7.23 -12.02 13.05
CA GLU A 68 -8.30 -12.41 13.95
C GLU A 68 -8.56 -11.41 15.07
N LEU A 69 -8.15 -10.14 14.93
CA LEU A 69 -8.47 -9.16 15.94
C LEU A 69 -9.77 -8.49 15.52
N PRO A 70 -10.91 -8.79 16.17
CA PRO A 70 -12.20 -8.33 15.63
C PRO A 70 -12.49 -6.86 15.91
N GLY A 71 -11.96 -6.33 17.01
CA GLY A 71 -12.06 -4.91 17.31
C GLY A 71 -11.00 -4.06 16.66
N LEU A 72 -10.11 -4.65 15.88
CA LEU A 72 -9.07 -3.96 15.12
C LEU A 72 -9.02 -4.51 13.69
N SER A 73 -10.18 -4.53 13.03
CA SER A 73 -10.33 -5.28 11.77
C SER A 73 -9.80 -4.55 10.54
N HIS A 74 -9.61 -3.24 10.59
CA HIS A 74 -9.12 -2.48 9.45
C HIS A 74 -7.61 -2.30 9.62
N GLN A 75 -6.81 -2.98 8.79
CA GLN A 75 -5.38 -3.05 9.05
C GLN A 75 -4.58 -2.66 7.81
N TYR A 76 -3.54 -1.86 8.04
CA TYR A 76 -2.73 -1.30 6.97
C TYR A 76 -1.27 -1.53 7.33
N TRP A 77 -0.51 -2.10 6.41
CA TRP A 77 0.84 -2.50 6.69
C TRP A 77 1.74 -1.97 5.60
N SER A 78 2.96 -1.58 5.96
CA SER A 78 3.93 -1.25 4.94
C SER A 78 5.30 -1.76 5.36
N ALA A 79 6.01 -2.36 4.41
CA ALA A 79 7.38 -2.80 4.60
C ALA A 79 8.25 -2.24 3.49
N PRO A 80 9.54 -2.01 3.74
CA PRO A 80 10.42 -1.54 2.67
C PRO A 80 10.61 -2.61 1.60
N SER A 81 10.71 -2.16 0.34
CA SER A 81 10.89 -3.09 -0.75
C SER A 81 12.30 -3.70 -0.77
N ASP A 82 13.30 -2.94 -0.30
CA ASP A 82 14.69 -3.40 -0.37
C ASP A 82 15.05 -4.31 0.80
N LYS A 83 14.94 -3.79 2.03
CA LYS A 83 15.42 -4.48 3.22
C LYS A 83 14.24 -5.12 3.96
N GLU A 84 13.81 -6.28 3.48
CA GLU A 84 12.82 -7.05 4.23
C GLU A 84 13.49 -7.62 5.49
N GLY A 85 12.73 -7.64 6.59
CA GLY A 85 13.30 -7.89 7.89
C GLY A 85 13.76 -6.65 8.62
N TYR A 86 13.69 -5.47 7.98
CA TYR A 86 14.03 -4.20 8.61
C TYR A 86 12.84 -3.26 8.49
N SER A 87 12.80 -2.27 9.39
CA SER A 87 11.73 -1.29 9.46
C SER A 87 10.37 -1.97 9.46
N GLY A 88 9.40 -1.38 8.76
CA GLY A 88 8.07 -1.93 8.67
C GLY A 88 7.17 -1.29 9.72
N VAL A 89 6.03 -0.76 9.29
CA VAL A 89 5.07 -0.19 10.22
C VAL A 89 3.68 -0.74 9.92
N GLY A 90 2.79 -0.58 10.89
CA GLY A 90 1.44 -1.09 10.77
C GLY A 90 0.48 -0.19 11.52
N LEU A 91 -0.77 -0.17 11.06
CA LEU A 91 -1.83 0.58 11.72
C LEU A 91 -3.11 -0.25 11.68
N LEU A 92 -3.69 -0.50 12.86
CA LEU A 92 -4.88 -1.32 13.00
C LEU A 92 -5.96 -0.49 13.68
N SER A 93 -7.19 -0.58 13.19
CA SER A 93 -8.20 0.39 13.58
C SER A 93 -9.56 -0.27 13.75
N ARG A 94 -10.30 0.15 14.76
CA ARG A 94 -11.67 -0.34 14.96
C ARG A 94 -12.58 0.10 13.82
N GLN A 95 -12.59 1.40 13.55
CA GLN A 95 -13.34 1.97 12.44
C GLN A 95 -12.43 2.16 11.23
N CYS A 96 -13.06 2.15 10.06
CA CYS A 96 -12.30 2.26 8.82
C CYS A 96 -11.93 3.72 8.58
N PRO A 97 -10.68 4.04 8.28
CA PRO A 97 -10.33 5.43 8.02
C PRO A 97 -10.92 5.89 6.69
N LEU A 98 -11.00 7.22 6.53
CA LEU A 98 -11.45 7.76 5.25
C LEU A 98 -10.37 7.61 4.18
N LYS A 99 -9.10 7.76 4.57
CA LYS A 99 -7.98 7.71 3.64
C LYS A 99 -6.78 7.08 4.34
N VAL A 100 -6.01 6.26 3.61
CA VAL A 100 -4.74 5.75 4.09
C VAL A 100 -3.69 6.02 3.01
N SER A 101 -2.52 6.53 3.44
CA SER A 101 -1.40 6.75 2.52
C SER A 101 -0.10 6.29 3.19
N TYR A 102 0.95 6.12 2.38
CA TYR A 102 2.20 5.54 2.86
C TYR A 102 3.37 6.41 2.46
N GLY A 103 4.34 6.57 3.37
CA GLY A 103 5.52 7.35 3.08
C GLY A 103 5.29 8.83 3.26
N ILE A 104 6.29 9.62 2.88
CA ILE A 104 6.21 11.07 3.04
C ILE A 104 6.24 11.81 1.72
N GLY A 105 5.81 11.15 0.64
CA GLY A 105 5.78 11.78 -0.67
C GLY A 105 6.12 10.91 -1.87
N ASP A 106 7.26 10.24 -1.83
CA ASP A 106 7.70 9.40 -2.96
C ASP A 106 7.61 7.87 -2.76
N GLU A 107 6.88 7.43 -1.74
CA GLU A 107 6.74 6.01 -1.42
C GLU A 107 6.57 5.03 -2.60
N GLU A 108 5.80 5.42 -3.63
CA GLU A 108 5.60 4.54 -4.78
C GLU A 108 6.89 4.29 -5.53
N HIS A 109 7.86 5.18 -5.37
CA HIS A 109 9.16 5.03 -6.03
C HIS A 109 10.21 4.66 -4.99
N ASP A 110 9.95 5.04 -3.74
CA ASP A 110 10.85 4.73 -2.65
C ASP A 110 10.07 4.18 -1.47
N GLN A 111 9.77 2.89 -1.52
CA GLN A 111 9.02 2.22 -0.46
C GLN A 111 9.93 1.94 0.71
N GLU A 112 9.87 2.80 1.72
CA GLU A 112 10.72 2.65 2.91
C GLU A 112 10.02 1.97 4.09
N GLY A 113 8.69 1.92 4.07
CA GLY A 113 7.96 1.25 5.14
C GLY A 113 8.21 1.87 6.50
N ARG A 114 8.18 3.19 6.60
CA ARG A 114 8.37 3.90 7.87
C ARG A 114 7.19 4.75 8.29
N VAL A 115 6.31 5.15 7.39
CA VAL A 115 5.26 6.12 7.71
C VAL A 115 3.92 5.66 7.15
N ILE A 116 2.86 5.70 7.95
CA ILE A 116 1.50 5.49 7.50
C ILE A 116 0.67 6.71 7.91
N VAL A 117 -0.17 7.20 7.00
CA VAL A 117 -1.07 8.31 7.27
C VAL A 117 -2.50 7.81 7.16
N ALA A 118 -3.29 8.03 8.20
CA ALA A 118 -4.70 7.61 8.17
C ALA A 118 -5.57 8.79 8.54
N GLU A 119 -6.48 9.18 7.63
CA GLU A 119 -7.40 10.27 7.90
C GLU A 119 -8.71 9.71 8.44
N PHE A 120 -9.15 10.25 9.59
CA PHE A 120 -10.41 9.90 10.22
C PHE A 120 -11.35 11.11 10.16
N ASP A 121 -12.53 10.96 10.78
CA ASP A 121 -13.54 12.01 10.70
C ASP A 121 -13.03 13.35 11.19
N SER A 122 -12.41 13.38 12.37
CA SER A 122 -12.07 14.67 12.95
C SER A 122 -10.57 14.89 13.14
N PHE A 123 -9.72 13.98 12.67
CA PHE A 123 -8.28 14.18 12.81
C PHE A 123 -7.54 13.28 11.84
N VAL A 124 -6.27 13.59 11.64
CA VAL A 124 -5.36 12.79 10.83
C VAL A 124 -4.33 12.17 11.75
N LEU A 125 -4.11 10.86 11.61
CA LEU A 125 -3.14 10.12 12.40
C LEU A 125 -1.94 9.77 11.52
N VAL A 126 -0.75 10.12 11.97
CA VAL A 126 0.49 9.66 11.34
C VAL A 126 1.20 8.79 12.35
N THR A 127 1.63 7.63 11.93
CA THR A 127 2.55 6.87 12.75
C THR A 127 3.85 6.71 11.99
N ALA A 128 4.95 6.68 12.73
CA ALA A 128 6.26 6.83 12.11
C ALA A 128 7.30 5.99 12.84
N TYR A 129 8.20 5.39 12.08
CA TYR A 129 9.41 4.77 12.60
C TYR A 129 10.57 5.58 12.02
N VAL A 130 11.09 6.51 12.81
CA VAL A 130 12.07 7.49 12.30
C VAL A 130 13.42 6.82 12.11
N PRO A 131 14.12 7.04 11.00
CA PRO A 131 15.37 6.31 10.76
C PRO A 131 16.44 6.63 11.80
N ASN A 132 17.18 5.60 12.17
CA ASN A 132 18.18 5.71 13.21
C ASN A 132 19.42 6.42 12.68
N ALA A 133 20.08 7.22 13.54
CA ALA A 133 21.35 7.84 13.17
C ALA A 133 22.49 6.83 13.03
N GLY A 134 22.35 5.66 13.62
CA GLY A 134 23.35 4.61 13.42
C GLY A 134 24.44 4.65 14.47
N ARG A 135 24.97 3.46 14.77
CA ARG A 135 26.15 3.35 15.63
C ARG A 135 27.27 4.23 15.08
N GLY A 136 27.91 4.98 15.97
CA GLY A 136 28.93 5.92 15.57
C GLY A 136 28.46 7.06 14.70
N LEU A 137 27.14 7.27 14.58
CA LEU A 137 26.53 8.40 13.88
C LEU A 137 26.71 8.35 12.36
N VAL A 138 26.92 7.16 11.79
CA VAL A 138 27.29 7.10 10.38
C VAL A 138 26.16 7.46 9.43
N ARG A 139 24.93 7.48 9.91
N ARG A 139 24.93 7.47 9.92
CA ARG A 139 23.79 7.90 9.10
CA ARG A 139 23.79 7.90 9.10
C ARG A 139 23.11 9.13 9.70
C ARG A 139 23.10 9.12 9.71
N LEU A 140 23.85 9.90 10.48
CA LEU A 140 23.27 11.07 11.14
C LEU A 140 22.87 12.15 10.13
N GLU A 141 23.73 12.41 9.13
CA GLU A 141 23.36 13.41 8.13
C GLU A 141 22.13 12.98 7.33
N TYR A 142 21.98 11.69 7.04
N TYR A 142 22.00 11.68 7.06
CA TYR A 142 20.73 11.26 6.41
CA TYR A 142 20.78 11.19 6.42
C TYR A 142 19.55 11.52 7.33
C TYR A 142 19.55 11.41 7.30
N ARG A 143 19.71 11.20 8.62
CA ARG A 143 18.61 11.43 9.56
C ARG A 143 18.21 12.90 9.57
N GLN A 144 19.19 13.81 9.53
CA GLN A 144 18.86 15.23 9.54
C GLN A 144 18.11 15.62 8.26
N ARG A 145 18.52 15.06 7.12
CA ARG A 145 17.80 15.33 5.88
C ARG A 145 16.41 14.73 5.89
N TRP A 146 16.28 13.52 6.46
CA TRP A 146 14.96 12.93 6.63
C TRP A 146 14.08 13.78 7.55
N ASP A 147 14.63 14.22 8.71
CA ASP A 147 13.85 15.05 9.63
C ASP A 147 13.26 16.25 8.90
N GLU A 148 14.07 16.92 8.08
CA GLU A 148 13.62 18.10 7.37
C GLU A 148 12.52 17.76 6.39
N ALA A 149 12.70 16.66 5.61
CA ALA A 149 11.65 16.25 4.68
C ALA A 149 10.37 15.88 5.43
N PHE A 150 10.50 15.19 6.56
CA PHE A 150 9.32 14.80 7.34
C PHE A 150 8.58 16.02 7.89
N ARG A 151 9.33 16.96 8.48
CA ARG A 151 8.79 18.25 8.93
C ARG A 151 7.97 18.90 7.83
N LYS A 152 8.55 19.00 6.63
CA LYS A 152 7.86 19.66 5.54
C LYS A 152 6.62 18.89 5.14
N PHE A 153 6.72 17.56 5.08
CA PHE A 153 5.57 16.73 4.76
C PHE A 153 4.43 16.93 5.75
N LEU A 154 4.73 16.98 7.05
CA LEU A 154 3.66 17.09 8.04
C LEU A 154 3.01 18.46 8.00
N LYS A 155 3.82 19.52 7.85
CA LYS A 155 3.25 20.86 7.79
C LYS A 155 2.30 21.00 6.61
N GLY A 156 2.74 20.53 5.45
CA GLY A 156 1.99 20.72 4.22
C GLY A 156 0.94 19.66 3.95
N LEU A 157 0.35 19.10 5.00
CA LEU A 157 -0.75 18.17 4.81
C LEU A 157 -1.99 18.92 4.33
N ALA A 158 -2.56 18.47 3.20
CA ALA A 158 -3.69 19.16 2.58
C ALA A 158 -4.84 19.37 3.55
N SER A 159 -5.32 18.27 4.16
CA SER A 159 -6.43 18.34 5.12
C SER A 159 -6.18 19.35 6.24
N ARG A 160 -7.20 20.11 6.58
CA ARG A 160 -7.09 21.13 7.62
C ARG A 160 -7.45 20.57 8.99
N LYS A 161 -7.62 19.26 9.07
CA LYS A 161 -7.96 18.64 10.34
C LYS A 161 -6.73 18.60 11.24
N PRO A 162 -6.92 18.55 12.55
CA PRO A 162 -5.78 18.45 13.46
C PRO A 162 -5.04 17.12 13.27
N LEU A 163 -3.81 17.12 13.74
CA LEU A 163 -2.89 16.03 13.50
C LEU A 163 -2.55 15.34 14.80
N VAL A 164 -2.51 14.02 14.77
CA VAL A 164 -1.89 13.22 15.81
C VAL A 164 -0.74 12.48 15.16
N LEU A 165 0.48 12.70 15.66
CA LEU A 165 1.65 11.96 15.20
C LEU A 165 2.15 11.07 16.32
N CYS A 166 2.32 9.79 16.05
CA CYS A 166 2.80 8.91 17.10
C CYS A 166 3.82 7.94 16.55
N GLY A 167 4.49 7.26 17.46
CA GLY A 167 5.43 6.24 17.07
C GLY A 167 6.80 6.48 17.66
N ASP A 168 7.77 5.81 17.09
CA ASP A 168 9.14 5.83 17.58
C ASP A 168 9.86 6.93 16.81
N LEU A 169 9.97 8.10 17.41
CA LEU A 169 10.62 9.23 16.75
C LEU A 169 12.12 9.22 16.97
N ASN A 170 12.61 8.25 17.74
CA ASN A 170 14.03 7.88 17.81
C ASN A 170 14.91 9.07 18.22
N VAL A 171 14.44 9.82 19.20
CA VAL A 171 15.25 10.86 19.81
C VAL A 171 14.66 11.13 21.19
N ALA A 172 15.55 11.32 22.17
CA ALA A 172 15.16 11.83 23.48
C ALA A 172 15.32 13.33 23.44
N HIS A 173 14.19 14.06 23.47
CA HIS A 173 14.22 15.50 23.22
C HIS A 173 15.16 16.22 24.20
N GLU A 174 14.95 16.04 25.50
CA GLU A 174 15.69 16.80 26.50
C GLU A 174 16.36 15.83 27.48
N GLU A 175 17.28 16.38 28.29
CA GLU A 175 18.00 15.55 29.24
C GLU A 175 17.06 14.76 30.15
N ILE A 176 15.90 15.32 30.47
CA ILE A 176 14.95 14.59 31.31
C ILE A 176 14.41 13.34 30.61
N ASP A 177 14.60 13.22 29.30
CA ASP A 177 14.04 12.10 28.56
C ASP A 177 14.94 10.87 28.50
N LEU A 178 16.10 10.87 29.16
CA LEU A 178 16.89 9.65 29.26
C LEU A 178 17.64 9.64 30.58
N ARG A 179 18.11 8.45 30.97
N ARG A 179 18.11 8.45 30.97
CA ARG A 179 18.74 8.28 32.27
CA ARG A 179 18.74 8.27 32.27
C ARG A 179 20.17 8.83 32.29
C ARG A 179 20.17 8.81 32.30
N ASN A 180 20.91 8.65 31.20
CA ASN A 180 22.32 9.05 31.10
C ASN A 180 22.50 10.09 30.00
N PRO A 181 21.99 11.32 30.20
CA PRO A 181 22.12 12.33 29.14
C PRO A 181 23.56 12.70 28.82
N LYS A 182 24.42 12.86 29.82
CA LYS A 182 25.75 13.39 29.51
C LYS A 182 26.61 12.34 28.83
N GLY A 183 26.45 11.07 29.20
CA GLY A 183 27.20 10.03 28.50
C GLY A 183 26.72 9.72 27.09
N ASN A 184 25.59 10.30 26.66
CA ASN A 184 24.98 9.92 25.39
C ASN A 184 24.91 11.06 24.38
N LYS A 185 25.55 12.20 24.66
CA LYS A 185 25.39 13.38 23.81
C LYS A 185 26.04 13.22 22.44
N LYS A 186 26.87 12.19 22.24
CA LYS A 186 27.38 11.87 20.91
C LYS A 186 26.90 10.51 20.41
N ASN A 187 25.88 9.94 21.05
CA ASN A 187 25.28 8.69 20.61
C ASN A 187 23.96 8.94 19.88
N ALA A 188 23.65 8.05 18.94
CA ALA A 188 22.39 8.10 18.20
C ALA A 188 21.25 8.28 19.18
N GLY A 189 20.34 9.21 18.86
CA GLY A 189 19.16 9.44 19.66
C GLY A 189 19.30 10.57 20.66
N PHE A 190 20.50 11.09 20.88
CA PHE A 190 20.63 12.23 21.76
C PHE A 190 21.72 13.19 21.30
N THR A 191 22.01 13.22 20.00
CA THR A 191 22.92 14.23 19.49
C THR A 191 22.22 15.58 19.50
N PRO A 192 23.00 16.67 19.54
CA PRO A 192 22.36 17.99 19.41
C PRO A 192 21.60 18.12 18.12
N GLN A 193 22.03 17.42 17.08
CA GLN A 193 21.37 17.52 15.78
C GLN A 193 19.97 16.91 15.82
N GLU A 194 19.83 15.74 16.43
CA GLU A 194 18.52 15.09 16.49
C GLU A 194 17.61 15.82 17.47
N ARG A 195 18.16 16.30 18.58
CA ARG A 195 17.36 17.06 19.53
C ARG A 195 16.82 18.33 18.89
N GLN A 196 17.66 19.00 18.11
CA GLN A 196 17.22 20.23 17.46
C GLN A 196 16.18 19.95 16.38
N GLY A 197 16.33 18.84 15.65
CA GLY A 197 15.30 18.48 14.69
C GLY A 197 13.96 18.22 15.35
N PHE A 198 13.98 17.62 16.54
CA PHE A 198 12.73 17.42 17.28
C PHE A 198 12.11 18.77 17.66
N GLY A 199 12.91 19.69 18.19
CA GLY A 199 12.38 21.00 18.52
C GLY A 199 11.85 21.72 17.30
N GLU A 200 12.52 21.58 16.16
CA GLU A 200 12.01 22.20 14.94
C GLU A 200 10.73 21.54 14.46
N LEU A 201 10.57 20.24 14.69
CA LEU A 201 9.31 19.60 14.32
C LEU A 201 8.16 20.19 15.12
N LEU A 202 8.36 20.36 16.43
CA LEU A 202 7.33 20.93 17.30
C LEU A 202 6.99 22.35 16.88
N GLN A 203 8.00 23.14 16.57
CA GLN A 203 7.73 24.51 16.16
C GLN A 203 7.17 24.59 14.74
N ALA A 204 7.68 23.76 13.82
CA ALA A 204 7.33 23.98 12.41
C ALA A 204 5.90 23.57 12.08
N VAL A 205 5.39 22.54 12.73
CA VAL A 205 4.14 21.92 12.24
C VAL A 205 2.91 22.77 12.55
N PRO A 206 2.67 23.21 13.80
CA PRO A 206 3.35 23.01 15.09
C PRO A 206 2.75 21.86 15.87
N LEU A 207 3.49 21.27 16.81
CA LEU A 207 2.97 20.16 17.60
C LEU A 207 3.39 20.30 19.05
N ALA A 208 2.62 19.65 19.92
CA ALA A 208 2.91 19.59 21.33
C ALA A 208 3.16 18.14 21.74
N ASP A 209 4.10 17.95 22.65
CA ASP A 209 4.43 16.64 23.19
C ASP A 209 3.41 16.33 24.29
N SER A 210 2.47 15.41 23.99
CA SER A 210 1.36 15.20 24.90
C SER A 210 1.83 14.83 26.29
N PHE A 211 2.73 13.84 26.39
CA PHE A 211 3.19 13.40 27.71
C PHE A 211 3.86 14.55 28.47
N ARG A 212 4.74 15.30 27.82
CA ARG A 212 5.48 16.34 28.54
C ARG A 212 4.56 17.53 28.86
N HIS A 213 3.52 17.75 28.05
CA HIS A 213 2.54 18.78 28.34
C HIS A 213 1.84 18.51 29.66
N LEU A 214 1.51 17.24 29.92
CA LEU A 214 0.84 16.83 31.14
C LEU A 214 1.79 16.67 32.31
N TYR A 215 3.02 16.25 32.04
CA TYR A 215 3.97 15.85 33.08
C TYR A 215 5.29 16.57 32.84
N PRO A 216 5.30 17.90 32.89
CA PRO A 216 6.46 18.64 32.39
C PRO A 216 7.72 18.44 33.20
N ASN A 217 7.61 18.00 34.46
CA ASN A 217 8.79 17.91 35.31
C ASN A 217 9.02 16.51 35.85
N THR A 218 8.46 15.51 35.20
CA THR A 218 8.54 14.14 35.71
C THR A 218 9.74 13.43 35.10
N PRO A 219 10.71 13.00 35.89
CA PRO A 219 11.88 12.30 35.37
C PRO A 219 11.68 10.79 35.35
N TYR A 220 12.68 10.11 34.79
CA TYR A 220 12.76 8.64 34.77
C TYR A 220 11.61 7.97 34.03
N ALA A 221 10.89 8.71 33.18
CA ALA A 221 9.80 8.15 32.38
C ALA A 221 10.34 7.84 30.98
N TYR A 222 10.56 6.55 30.71
CA TYR A 222 11.19 6.08 29.47
C TYR A 222 10.29 5.09 28.73
N THR A 223 10.61 4.90 27.45
CA THR A 223 9.86 3.95 26.63
C THR A 223 10.75 2.92 25.95
N PHE A 224 12.06 3.00 26.16
CA PHE A 224 13.02 2.10 25.51
C PHE A 224 14.12 1.80 26.52
N TRP A 225 14.62 0.57 26.51
CA TRP A 225 15.80 0.19 27.28
C TRP A 225 16.59 -0.81 26.46
N THR A 226 17.91 -0.62 26.36
CA THR A 226 18.68 -1.58 25.59
C THR A 226 18.58 -2.95 26.23
N TYR A 227 18.40 -3.97 25.39
CA TYR A 227 18.35 -5.34 25.90
C TYR A 227 19.55 -5.67 26.76
N MET A 228 20.69 -5.05 26.51
CA MET A 228 21.94 -5.44 27.14
C MET A 228 22.09 -4.86 28.54
N MET A 229 22.89 -5.55 29.36
N MET A 229 22.89 -5.55 29.36
CA MET A 229 23.28 -5.08 30.69
CA MET A 229 23.29 -5.08 30.68
C MET A 229 22.10 -4.90 31.63
C MET A 229 22.09 -4.88 31.62
N ASN A 230 21.00 -5.61 31.38
CA ASN A 230 19.82 -5.56 32.25
C ASN A 230 19.31 -4.14 32.44
N ALA A 231 19.43 -3.32 31.40
CA ALA A 231 19.08 -1.92 31.52
C ALA A 231 17.63 -1.73 31.96
N ARG A 232 16.71 -2.55 31.45
CA ARG A 232 15.30 -2.34 31.81
C ARG A 232 15.07 -2.59 33.30
N SER A 233 15.73 -3.59 33.88
CA SER A 233 15.53 -3.88 35.29
C SER A 233 16.00 -2.74 36.19
N LYS A 234 16.98 -1.96 35.73
CA LYS A 234 17.45 -0.78 36.45
C LYS A 234 16.80 0.50 35.96
N ASN A 235 15.85 0.40 35.02
CA ASN A 235 15.19 1.56 34.42
C ASN A 235 16.20 2.59 33.91
N VAL A 236 17.26 2.09 33.28
CA VAL A 236 18.16 2.96 32.53
C VAL A 236 17.59 3.00 31.13
N GLY A 237 16.87 4.07 30.80
CA GLY A 237 16.12 4.07 29.56
C GLY A 237 16.10 5.44 28.90
N TRP A 238 15.39 5.48 27.79
CA TRP A 238 15.20 6.66 26.97
C TRP A 238 13.72 6.76 26.62
N ARG A 239 13.20 7.99 26.58
CA ARG A 239 11.86 8.23 26.04
C ARG A 239 11.98 8.52 24.54
N LEU A 240 11.65 7.52 23.71
CA LEU A 240 11.78 7.65 22.26
C LEU A 240 10.44 7.65 21.54
N ASP A 241 9.36 7.32 22.24
CA ASP A 241 8.06 7.09 21.63
C ASP A 241 7.12 8.14 22.16
N TYR A 242 6.43 8.82 21.25
CA TYR A 242 5.67 10.02 21.58
C TYR A 242 4.29 9.98 20.95
N PHE A 243 3.38 10.73 21.58
CA PHE A 243 2.18 11.24 20.92
C PHE A 243 2.33 12.76 20.81
N LEU A 244 2.43 13.28 19.59
CA LEU A 244 2.53 14.71 19.35
C LEU A 244 1.21 15.19 18.77
N LEU A 245 0.67 16.29 19.30
CA LEU A 245 -0.67 16.72 18.95
C LEU A 245 -0.69 18.15 18.44
N SER A 246 -1.59 18.41 17.50
CA SER A 246 -1.92 19.78 17.15
C SER A 246 -2.43 20.53 18.39
N HIS A 247 -2.14 21.84 18.42
CA HIS A 247 -2.55 22.68 19.55
C HIS A 247 -4.06 22.62 19.76
N SER A 248 -4.83 22.52 18.68
CA SER A 248 -6.29 22.46 18.78
C SER A 248 -6.79 21.23 19.53
N LEU A 249 -5.97 20.18 19.63
CA LEU A 249 -6.36 18.96 20.29
C LEU A 249 -6.07 18.95 21.78
N LEU A 250 -5.30 19.90 22.30
CA LEU A 250 -4.95 19.89 23.72
C LEU A 250 -6.16 19.89 24.65
N PRO A 251 -7.26 20.62 24.38
CA PRO A 251 -8.41 20.54 25.30
C PRO A 251 -9.09 19.19 25.27
N ALA A 252 -8.86 18.40 24.20
CA ALA A 252 -9.38 17.06 24.09
C ALA A 252 -8.48 16.03 24.77
N LEU A 253 -7.33 16.43 25.27
CA LEU A 253 -6.32 15.49 25.75
C LEU A 253 -6.67 15.05 27.17
N CYS A 254 -6.89 13.75 27.36
CA CYS A 254 -7.14 13.26 28.71
C CYS A 254 -5.87 12.76 29.37
N ASP A 255 -5.10 11.92 28.66
CA ASP A 255 -3.91 11.42 29.30
C ASP A 255 -3.01 10.84 28.22
N SER A 256 -1.74 10.74 28.56
CA SER A 256 -0.71 10.14 27.71
C SER A 256 0.08 9.22 28.61
N LYS A 257 0.02 7.93 28.31
CA LYS A 257 0.53 6.90 29.21
C LYS A 257 1.79 6.25 28.68
N ILE A 258 2.60 5.75 29.61
CA ILE A 258 3.74 4.91 29.31
C ILE A 258 3.51 3.58 29.98
N ARG A 259 3.37 2.51 29.18
CA ARG A 259 2.98 1.21 29.72
C ARG A 259 4.22 0.40 30.06
N SER A 260 4.84 0.80 31.18
CA SER A 260 6.20 0.36 31.53
C SER A 260 6.27 -1.15 31.72
N LYS A 261 5.19 -1.75 32.19
CA LYS A 261 5.21 -3.16 32.55
C LYS A 261 5.00 -4.10 31.36
N ALA A 262 4.53 -3.61 30.21
CA ALA A 262 4.21 -4.50 29.11
C ALA A 262 5.49 -4.94 28.39
N LEU A 263 5.76 -6.24 28.39
CA LEU A 263 6.98 -6.81 27.85
C LEU A 263 6.75 -7.27 26.42
N GLY A 264 7.85 -7.67 25.75
CA GLY A 264 7.74 -8.25 24.42
C GLY A 264 8.65 -7.59 23.40
N SER A 265 9.35 -6.55 23.81
CA SER A 265 10.15 -5.70 22.93
C SER A 265 11.15 -4.97 23.82
N ASP A 266 12.08 -4.25 23.19
CA ASP A 266 12.89 -3.32 23.97
C ASP A 266 12.24 -1.95 24.09
N HIS A 267 11.09 -1.72 23.45
CA HIS A 267 10.25 -0.58 23.78
C HIS A 267 9.01 -1.06 24.50
N CYS A 268 8.43 -0.20 25.30
CA CYS A 268 7.10 -0.53 25.81
C CYS A 268 6.03 0.30 25.10
N PRO A 269 4.76 -0.08 25.23
CA PRO A 269 3.70 0.68 24.53
C PRO A 269 3.51 2.05 25.15
N ILE A 270 2.93 2.95 24.36
CA ILE A 270 2.40 4.21 24.88
C ILE A 270 0.94 4.29 24.47
N THR A 271 0.13 4.99 25.27
CA THR A 271 -1.30 5.01 25.03
C THR A 271 -1.85 6.41 25.22
N LEU A 272 -2.66 6.84 24.26
CA LEU A 272 -3.28 8.17 24.27
C LEU A 272 -4.78 8.05 24.48
N TYR A 273 -5.34 8.91 25.33
CA TYR A 273 -6.78 9.04 25.52
C TYR A 273 -7.19 10.44 25.06
N LEU A 274 -8.07 10.52 24.09
CA LEU A 274 -8.60 11.78 23.61
C LEU A 274 -10.12 11.81 23.78
N ALA A 275 -10.64 13.00 24.18
CA ALA A 275 -12.08 13.25 24.27
C ALA A 275 -12.50 14.00 23.02
N LEU A 276 -12.92 13.27 22.00
CA LEU A 276 -13.34 13.82 20.72
C LEU A 276 -14.85 13.78 20.53
N ALA B 1 -25.42 -12.70 -31.00
CA ALA B 1 -24.70 -11.43 -31.04
C ALA B 1 -24.35 -10.94 -29.63
N LEU B 2 -25.37 -10.66 -28.82
CA LEU B 2 -25.12 -10.13 -27.49
C LEU B 2 -24.62 -11.23 -26.55
N TYR B 3 -23.94 -10.80 -25.47
CA TYR B 3 -23.18 -11.70 -24.62
C TYR B 3 -23.57 -11.54 -23.16
N GLU B 4 -23.62 -12.65 -22.43
CA GLU B 4 -23.94 -12.70 -21.02
C GLU B 4 -22.87 -13.54 -20.33
N ASP B 5 -22.04 -12.90 -19.49
CA ASP B 5 -20.95 -13.61 -18.83
C ASP B 5 -21.49 -14.61 -17.81
N PRO B 6 -20.99 -15.84 -17.79
CA PRO B 6 -21.43 -16.83 -16.79
C PRO B 6 -21.18 -16.34 -15.37
N PRO B 7 -21.92 -16.87 -14.39
CA PRO B 7 -21.72 -16.45 -13.00
C PRO B 7 -20.31 -16.80 -12.51
N ASP B 8 -19.91 -16.13 -11.44
CA ASP B 8 -18.56 -16.27 -10.91
C ASP B 8 -18.37 -17.66 -10.32
N GLN B 9 -17.40 -18.41 -10.85
CA GLN B 9 -16.93 -19.63 -10.22
C GLN B 9 -15.82 -19.26 -9.26
N LYS B 10 -16.03 -19.49 -7.96
CA LYS B 10 -15.12 -19.03 -6.93
C LYS B 10 -14.42 -20.18 -6.19
N THR B 11 -14.51 -21.39 -6.71
CA THR B 11 -13.74 -22.50 -6.19
C THR B 11 -12.89 -23.07 -7.32
N SER B 12 -11.72 -23.58 -6.97
CA SER B 12 -10.77 -24.09 -7.94
C SER B 12 -11.16 -25.50 -8.34
N PRO B 13 -10.53 -26.05 -9.41
CA PRO B 13 -10.83 -27.44 -9.77
C PRO B 13 -10.71 -28.41 -8.60
N SER B 14 -9.65 -28.30 -7.80
CA SER B 14 -9.48 -29.19 -6.65
C SER B 14 -10.32 -28.75 -5.44
N GLY B 15 -11.29 -27.86 -5.65
CA GLY B 15 -12.21 -27.45 -4.61
C GLY B 15 -11.73 -26.35 -3.69
N LYS B 16 -10.63 -25.67 -4.01
CA LYS B 16 -10.15 -24.62 -3.11
C LYS B 16 -10.87 -23.29 -3.33
N PRO B 17 -11.25 -22.60 -2.24
CA PRO B 17 -11.93 -21.30 -2.44
C PRO B 17 -10.96 -20.22 -2.93
N ALA B 18 -11.49 -19.36 -3.80
CA ALA B 18 -10.75 -18.23 -4.31
C ALA B 18 -10.33 -17.31 -3.18
N THR B 19 -9.05 -16.94 -3.17
CA THR B 19 -8.51 -16.05 -2.15
C THR B 19 -8.01 -14.73 -2.72
N LEU B 20 -7.99 -14.58 -4.04
CA LEU B 20 -7.40 -13.42 -4.68
C LEU B 20 -8.28 -12.99 -5.84
N LYS B 21 -8.66 -11.71 -5.83
CA LYS B 21 -9.53 -11.13 -6.84
C LYS B 21 -8.80 -9.97 -7.49
N ILE B 22 -8.45 -10.11 -8.76
CA ILE B 22 -7.77 -9.07 -9.52
C ILE B 22 -8.72 -8.54 -10.58
N CYS B 23 -8.85 -7.22 -10.67
CA CYS B 23 -9.65 -6.59 -11.69
C CYS B 23 -8.75 -5.72 -12.54
N SER B 24 -8.90 -5.78 -13.86
CA SER B 24 -8.11 -4.95 -14.77
C SER B 24 -9.07 -4.16 -15.65
N TRP B 25 -8.75 -2.90 -15.91
CA TRP B 25 -9.71 -2.01 -16.57
C TRP B 25 -8.96 -0.93 -17.32
N ASN B 26 -9.07 -0.93 -18.65
CA ASN B 26 -8.65 0.23 -19.43
C ASN B 26 -9.72 1.30 -19.24
N VAL B 27 -9.36 2.36 -18.51
CA VAL B 27 -10.30 3.41 -18.16
C VAL B 27 -10.39 4.49 -19.23
N ASP B 28 -9.40 4.56 -20.13
CA ASP B 28 -9.39 5.48 -21.26
C ASP B 28 -9.77 6.90 -20.83
N GLY B 29 -8.89 7.47 -20.00
CA GLY B 29 -9.17 8.75 -19.39
C GLY B 29 -9.56 8.55 -17.95
N LEU B 30 -8.55 8.51 -17.07
CA LEU B 30 -8.80 8.27 -15.66
C LEU B 30 -9.75 9.32 -15.07
N ARG B 31 -9.54 10.59 -15.41
CA ARG B 31 -10.38 11.64 -14.83
C ARG B 31 -11.82 11.50 -15.29
N ALA B 32 -12.03 11.25 -16.59
CA ALA B 32 -13.37 11.05 -17.12
C ALA B 32 -14.03 9.83 -16.51
N TRP B 33 -13.29 8.71 -16.45
CA TRP B 33 -13.80 7.48 -15.87
C TRP B 33 -14.29 7.69 -14.44
N ILE B 34 -13.56 8.49 -13.67
CA ILE B 34 -13.96 8.76 -12.29
C ILE B 34 -15.26 9.54 -12.28
N LYS B 35 -15.35 10.61 -13.09
CA LYS B 35 -16.61 11.35 -13.18
C LYS B 35 -17.76 10.46 -13.60
N LYS B 36 -17.51 9.42 -14.40
CA LYS B 36 -18.56 8.51 -14.82
C LYS B 36 -18.77 7.37 -13.83
N LYS B 37 -18.30 7.53 -12.60
CA LYS B 37 -18.61 6.62 -11.48
C LYS B 37 -17.81 5.32 -11.53
N GLY B 38 -16.64 5.36 -12.18
CA GLY B 38 -15.80 4.17 -12.24
C GLY B 38 -15.39 3.66 -10.86
N LEU B 39 -15.01 4.56 -9.96
CA LEU B 39 -14.64 4.11 -8.61
C LEU B 39 -15.83 3.52 -7.85
N ASP B 40 -17.05 3.97 -8.11
CA ASP B 40 -18.19 3.35 -7.45
C ASP B 40 -18.31 1.89 -7.86
N TRP B 41 -18.16 1.60 -9.14
CA TRP B 41 -18.19 0.21 -9.55
C TRP B 41 -17.06 -0.58 -8.90
N VAL B 42 -15.86 0.01 -8.82
CA VAL B 42 -14.71 -0.70 -8.25
C VAL B 42 -14.96 -1.04 -6.79
N LYS B 43 -15.54 -0.11 -6.01
CA LYS B 43 -15.84 -0.38 -4.61
C LYS B 43 -16.83 -1.53 -4.45
N GLU B 44 -17.83 -1.61 -5.34
CA GLU B 44 -18.74 -2.75 -5.32
C GLU B 44 -18.02 -4.03 -5.68
N GLU B 45 -17.20 -3.97 -6.74
CA GLU B 45 -16.46 -5.17 -7.15
C GLU B 45 -15.53 -5.65 -6.05
N ALA B 46 -14.95 -4.71 -5.30
CA ALA B 46 -14.05 -5.00 -4.19
C ALA B 46 -12.91 -5.97 -4.52
N PRO B 47 -12.14 -5.70 -5.58
CA PRO B 47 -11.00 -6.56 -5.88
C PRO B 47 -9.89 -6.35 -4.86
N ASP B 48 -9.06 -7.37 -4.71
CA ASP B 48 -7.84 -7.22 -3.93
C ASP B 48 -6.82 -6.37 -4.66
N ILE B 49 -6.79 -6.42 -5.99
CA ILE B 49 -5.84 -5.67 -6.79
C ILE B 49 -6.60 -5.08 -7.98
N LEU B 50 -6.34 -3.81 -8.27
CA LEU B 50 -6.94 -3.13 -9.41
C LEU B 50 -5.82 -2.61 -10.31
N CYS B 51 -5.87 -2.97 -11.59
CA CYS B 51 -4.93 -2.49 -12.58
C CYS B 51 -5.66 -1.62 -13.60
N LEU B 52 -5.08 -0.47 -13.91
CA LEU B 52 -5.71 0.52 -14.79
C LEU B 52 -4.76 0.82 -15.93
N GLN B 53 -5.31 1.03 -17.12
CA GLN B 53 -4.52 1.34 -18.30
C GLN B 53 -5.13 2.52 -19.02
N GLU B 54 -4.28 3.20 -19.81
CA GLU B 54 -4.64 4.41 -20.54
C GLU B 54 -5.25 5.46 -19.61
N THR B 55 -4.48 5.80 -18.56
CA THR B 55 -4.99 6.72 -17.56
C THR B 55 -5.04 8.14 -18.10
N LYS B 56 -4.05 8.51 -18.94
CA LYS B 56 -3.98 9.83 -19.53
C LYS B 56 -4.10 10.90 -18.44
N CYS B 57 -3.19 10.83 -17.47
CA CYS B 57 -3.33 11.76 -16.36
C CYS B 57 -2.03 11.76 -15.58
N SER B 58 -1.43 12.95 -15.45
CA SER B 58 -0.22 13.12 -14.69
C SER B 58 -0.50 13.06 -13.19
N GLU B 59 0.58 12.93 -12.41
CA GLU B 59 0.46 12.81 -10.97
C GLU B 59 -0.28 14.01 -10.36
N ASN B 60 0.03 15.22 -10.82
N ASN B 60 0.04 15.22 -10.81
CA ASN B 60 -0.55 16.42 -10.23
CA ASN B 60 -0.55 16.41 -10.21
C ASN B 60 -2.06 16.46 -10.41
C ASN B 60 -2.07 16.49 -10.43
N LYS B 61 -2.58 15.84 -11.46
CA LYS B 61 -4.01 15.92 -11.80
C LYS B 61 -4.78 14.66 -11.44
N ARG B 62 -4.21 13.72 -10.70
CA ARG B 62 -4.95 12.51 -10.34
C ARG B 62 -6.02 12.89 -9.33
N PRO B 63 -7.30 12.58 -9.60
CA PRO B 63 -8.38 13.07 -8.74
C PRO B 63 -8.21 12.63 -7.30
N ALA B 64 -8.78 13.43 -6.40
CA ALA B 64 -8.60 13.19 -4.97
C ALA B 64 -9.33 11.93 -4.53
N GLU B 65 -10.44 11.58 -5.21
CA GLU B 65 -11.24 10.41 -4.84
C GLU B 65 -10.41 9.14 -4.74
N LEU B 66 -9.29 9.05 -5.47
CA LEU B 66 -8.47 7.83 -5.44
C LEU B 66 -7.81 7.63 -4.08
N GLN B 67 -7.61 8.70 -3.31
CA GLN B 67 -7.15 8.58 -1.93
C GLN B 67 -8.25 8.09 -0.99
N GLU B 68 -9.50 8.01 -1.45
CA GLU B 68 -10.61 7.52 -0.64
C GLU B 68 -10.91 6.05 -0.92
N LEU B 69 -9.85 5.28 -1.13
CA LEU B 69 -9.94 3.84 -1.41
C LEU B 69 -9.05 3.09 -0.43
N PRO B 70 -9.39 3.08 0.86
CA PRO B 70 -8.51 2.40 1.83
C PRO B 70 -8.43 0.89 1.63
N GLY B 71 -9.42 0.27 0.97
CA GLY B 71 -9.30 -1.13 0.60
C GLY B 71 -8.30 -1.38 -0.53
N LEU B 72 -7.84 -0.33 -1.21
CA LEU B 72 -6.83 -0.44 -2.24
C LEU B 72 -5.76 0.64 -2.00
N SER B 73 -5.19 0.61 -0.79
CA SER B 73 -4.41 1.73 -0.28
C SER B 73 -2.98 1.81 -0.82
N HIS B 74 -2.43 0.73 -1.36
CA HIS B 74 -1.07 0.75 -1.95
C HIS B 74 -1.23 1.04 -3.43
N GLN B 75 -0.80 2.23 -3.88
CA GLN B 75 -1.08 2.69 -5.24
C GLN B 75 0.22 3.07 -5.94
N TYR B 76 0.40 2.51 -7.14
CA TYR B 76 1.58 2.75 -7.95
C TYR B 76 1.15 3.23 -9.33
N TRP B 77 1.78 4.29 -9.82
CA TRP B 77 1.43 4.86 -11.11
C TRP B 77 2.65 5.08 -12.00
N SER B 78 2.48 4.84 -13.29
CA SER B 78 3.57 5.01 -14.23
C SER B 78 3.72 6.49 -14.57
N ALA B 79 4.93 6.88 -14.98
CA ALA B 79 5.19 8.27 -15.34
C ALA B 79 5.80 8.37 -16.74
N PRO B 80 4.95 8.33 -17.77
CA PRO B 80 5.43 8.43 -19.15
C PRO B 80 6.00 9.82 -19.43
N SER B 81 6.96 9.90 -20.35
CA SER B 81 7.59 11.16 -20.72
C SER B 81 6.57 12.23 -21.08
N TYR B 86 -0.82 9.85 -24.36
CA TYR B 86 -1.80 8.83 -24.72
C TYR B 86 -1.51 7.49 -24.05
N SER B 87 -1.11 7.52 -22.78
CA SER B 87 -0.63 6.30 -22.12
C SER B 87 -0.88 6.44 -20.63
N GLY B 88 -0.14 5.67 -19.83
CA GLY B 88 -0.25 5.72 -18.40
C GLY B 88 -0.97 4.50 -17.86
N VAL B 89 -0.42 3.89 -16.81
CA VAL B 89 -1.06 2.75 -16.15
C VAL B 89 -0.96 2.92 -14.64
N GLY B 90 -1.76 2.12 -13.94
CA GLY B 90 -1.79 2.18 -12.50
C GLY B 90 -2.03 0.80 -11.93
N LEU B 91 -1.59 0.62 -10.70
CA LEU B 91 -1.79 -0.65 -10.01
C LEU B 91 -2.08 -0.32 -8.55
N LEU B 92 -3.25 -0.71 -8.09
CA LEU B 92 -3.70 -0.42 -6.73
C LEU B 92 -3.89 -1.75 -6.03
N SER B 93 -3.41 -1.86 -4.80
CA SER B 93 -3.36 -3.16 -4.14
C SER B 93 -3.81 -3.02 -2.70
N ARG B 94 -4.61 -4.00 -2.27
CA ARG B 94 -5.02 -4.07 -0.87
C ARG B 94 -3.83 -4.39 0.02
N GLN B 95 -2.97 -5.32 -0.41
CA GLN B 95 -1.78 -5.69 0.34
C GLN B 95 -0.55 -5.02 -0.24
N CYS B 96 0.42 -4.79 0.62
CA CYS B 96 1.69 -4.17 0.22
C CYS B 96 2.50 -5.14 -0.62
N PRO B 97 2.82 -4.82 -1.86
CA PRO B 97 3.71 -5.68 -2.64
C PRO B 97 5.09 -5.77 -2.02
N LEU B 98 5.78 -6.88 -2.31
CA LEU B 98 7.18 -7.00 -1.90
C LEU B 98 8.05 -6.00 -2.65
N LYS B 99 7.79 -5.80 -3.94
CA LYS B 99 8.58 -4.92 -4.77
C LYS B 99 7.74 -4.50 -5.96
N VAL B 100 7.83 -3.22 -6.33
CA VAL B 100 7.19 -2.70 -7.53
C VAL B 100 8.27 -2.10 -8.42
N SER B 101 8.20 -2.38 -9.71
CA SER B 101 9.10 -1.76 -10.67
C SER B 101 8.27 -1.27 -11.85
N TYR B 102 8.91 -0.49 -12.72
CA TYR B 102 8.25 0.21 -13.83
C TYR B 102 9.01 -0.05 -15.12
N GLY B 103 8.27 -0.26 -16.22
CA GLY B 103 8.86 -0.44 -17.52
C GLY B 103 9.30 -1.87 -17.78
N ILE B 104 9.88 -2.08 -18.95
CA ILE B 104 10.32 -3.41 -19.36
C ILE B 104 11.84 -3.43 -19.55
N GLY B 105 12.54 -2.53 -18.87
CA GLY B 105 13.98 -2.57 -18.78
C GLY B 105 14.73 -1.69 -19.75
N ASP B 106 14.05 -1.06 -20.70
CA ASP B 106 14.72 -0.23 -21.71
C ASP B 106 14.66 1.26 -21.38
N GLU B 112 7.45 5.04 -21.98
CA GLU B 112 6.12 5.34 -22.46
C GLU B 112 5.04 5.12 -21.40
N GLY B 113 5.45 4.70 -20.20
CA GLY B 113 4.53 4.52 -19.09
C GLY B 113 3.47 3.45 -19.31
N ARG B 114 3.88 2.26 -19.75
CA ARG B 114 2.95 1.24 -20.18
C ARG B 114 2.90 0.00 -19.29
N VAL B 115 3.86 -0.17 -18.37
CA VAL B 115 4.03 -1.44 -17.65
C VAL B 115 4.39 -1.17 -16.20
N ILE B 116 3.68 -1.84 -15.29
CA ILE B 116 4.07 -1.93 -13.90
C ILE B 116 4.18 -3.40 -13.52
N VAL B 117 5.15 -3.71 -12.67
CA VAL B 117 5.45 -5.06 -12.19
C VAL B 117 5.39 -5.03 -10.68
N ALA B 118 4.49 -5.81 -10.09
CA ALA B 118 4.38 -5.89 -8.64
C ALA B 118 4.65 -7.33 -8.24
N GLU B 119 5.69 -7.52 -7.43
CA GLU B 119 6.03 -8.84 -6.94
C GLU B 119 5.30 -9.06 -5.62
N PHE B 120 4.54 -10.15 -5.56
CA PHE B 120 3.91 -10.66 -4.35
C PHE B 120 4.59 -11.97 -4.00
N ASP B 121 4.22 -12.55 -2.86
CA ASP B 121 5.05 -13.66 -2.46
C ASP B 121 4.77 -14.93 -3.27
N SER B 122 3.53 -15.18 -3.68
CA SER B 122 3.23 -16.38 -4.45
C SER B 122 3.36 -16.20 -5.95
N PHE B 123 3.50 -14.97 -6.44
CA PHE B 123 3.47 -14.74 -7.88
C PHE B 123 3.94 -13.31 -8.16
N VAL B 124 4.21 -13.05 -9.44
CA VAL B 124 4.50 -11.71 -9.93
C VAL B 124 3.35 -11.28 -10.84
N LEU B 125 2.86 -10.07 -10.63
CA LEU B 125 1.76 -9.51 -11.40
C LEU B 125 2.32 -8.45 -12.33
N VAL B 126 2.04 -8.56 -13.61
CA VAL B 126 2.42 -7.54 -14.57
C VAL B 126 1.13 -6.95 -15.11
N THR B 127 1.05 -5.62 -15.18
CA THR B 127 -0.03 -5.03 -15.96
C THR B 127 0.55 -4.19 -17.08
N ALA B 128 -0.14 -4.22 -18.22
CA ALA B 128 0.42 -3.68 -19.44
C ALA B 128 -0.65 -2.97 -20.26
N TYR B 129 -0.22 -1.88 -20.88
CA TYR B 129 -1.00 -1.14 -21.86
C TYR B 129 -0.16 -1.23 -23.14
N VAL B 130 -0.45 -2.24 -23.94
CA VAL B 130 0.37 -2.52 -25.13
C VAL B 130 0.12 -1.46 -26.18
N PRO B 131 1.15 -0.94 -26.86
CA PRO B 131 0.93 0.13 -27.83
C PRO B 131 0.08 -0.31 -29.00
N ASN B 132 -0.91 0.51 -29.34
CA ASN B 132 -1.79 0.24 -30.47
C ASN B 132 -1.02 0.42 -31.78
N ALA B 133 -1.33 -0.44 -32.77
CA ALA B 133 -0.64 -0.30 -34.05
C ALA B 133 -1.05 0.97 -34.78
N GLY B 134 -2.16 1.58 -34.40
CA GLY B 134 -2.55 2.88 -34.93
C GLY B 134 -3.41 2.77 -36.16
N ARG B 135 -4.25 3.80 -36.36
CA ARG B 135 -5.00 3.92 -37.60
C ARG B 135 -4.03 4.00 -38.76
N GLY B 136 -4.35 3.28 -39.84
CA GLY B 136 -3.44 3.15 -40.95
C GLY B 136 -2.14 2.44 -40.63
N LEU B 137 -2.05 1.78 -39.47
CA LEU B 137 -0.90 0.95 -39.09
C LEU B 137 0.39 1.75 -38.94
N VAL B 138 0.27 3.05 -38.66
CA VAL B 138 1.44 3.94 -38.67
C VAL B 138 2.48 3.50 -37.64
N ARG B 139 2.03 2.93 -36.51
CA ARG B 139 2.91 2.50 -35.43
C ARG B 139 3.07 0.98 -35.35
N LEU B 140 2.70 0.26 -36.41
CA LEU B 140 2.85 -1.20 -36.38
C LEU B 140 4.30 -1.60 -36.13
N GLU B 141 5.25 -0.89 -36.76
CA GLU B 141 6.64 -1.31 -36.58
C GLU B 141 7.10 -1.08 -35.15
N TYR B 142 6.69 0.04 -34.54
CA TYR B 142 6.99 0.21 -33.12
C TYR B 142 6.34 -0.89 -32.29
N ARG B 143 5.13 -1.28 -32.66
CA ARG B 143 4.45 -2.36 -31.93
C ARG B 143 5.23 -3.67 -32.03
N GLN B 144 5.74 -3.99 -33.23
CA GLN B 144 6.48 -5.24 -33.41
C GLN B 144 7.76 -5.25 -32.58
N ARG B 145 8.45 -4.10 -32.48
CA ARG B 145 9.63 -4.00 -31.63
C ARG B 145 9.27 -4.17 -30.16
N TRP B 146 8.21 -3.48 -29.75
CA TRP B 146 7.77 -3.54 -28.36
C TRP B 146 7.37 -4.96 -27.98
N ASP B 147 6.66 -5.67 -28.88
CA ASP B 147 6.23 -7.04 -28.62
C ASP B 147 7.43 -7.93 -28.33
N GLU B 148 8.46 -7.83 -29.17
CA GLU B 148 9.66 -8.65 -29.00
C GLU B 148 10.35 -8.32 -27.68
N ALA B 149 10.60 -7.04 -27.43
CA ALA B 149 11.19 -6.63 -26.16
C ALA B 149 10.33 -7.08 -24.97
N PHE B 150 9.00 -7.05 -25.11
CA PHE B 150 8.13 -7.44 -24.00
C PHE B 150 8.24 -8.93 -23.70
N ARG B 151 8.23 -9.76 -24.75
CA ARG B 151 8.34 -11.21 -24.56
C ARG B 151 9.63 -11.56 -23.82
N LYS B 152 10.75 -11.02 -24.30
CA LYS B 152 12.05 -11.22 -23.69
C LYS B 152 12.00 -10.84 -22.21
N PHE B 153 11.47 -9.65 -21.92
CA PHE B 153 11.36 -9.19 -20.54
C PHE B 153 10.50 -10.16 -19.72
N LEU B 154 9.35 -10.56 -20.26
CA LEU B 154 8.50 -11.47 -19.51
C LEU B 154 9.13 -12.85 -19.34
N LYS B 155 9.98 -13.26 -20.29
CA LYS B 155 10.60 -14.58 -20.19
C LYS B 155 11.49 -14.66 -18.95
N GLY B 156 12.28 -13.62 -18.69
CA GLY B 156 13.09 -13.60 -17.49
C GLY B 156 12.26 -13.64 -16.22
N LEU B 157 11.22 -12.82 -16.14
CA LEU B 157 10.41 -12.74 -14.93
C LEU B 157 9.88 -14.12 -14.53
N ALA B 158 9.18 -14.79 -15.45
CA ALA B 158 8.53 -16.06 -15.12
C ALA B 158 9.52 -17.16 -14.83
N SER B 159 10.77 -17.02 -15.29
CA SER B 159 11.82 -17.97 -14.92
C SER B 159 12.20 -17.90 -13.45
N ARG B 160 11.66 -16.93 -12.70
CA ARG B 160 11.89 -16.81 -11.26
C ARG B 160 10.67 -17.13 -10.41
N LYS B 161 9.48 -16.71 -10.84
CA LYS B 161 8.24 -16.86 -10.08
C LYS B 161 7.08 -16.97 -11.06
N PRO B 162 5.99 -17.65 -10.68
CA PRO B 162 4.82 -17.71 -11.57
C PRO B 162 4.24 -16.32 -11.84
N LEU B 163 3.68 -16.17 -13.03
CA LEU B 163 3.37 -14.87 -13.59
C LEU B 163 1.88 -14.70 -13.85
N VAL B 164 1.36 -13.54 -13.49
CA VAL B 164 0.05 -13.08 -13.96
C VAL B 164 0.28 -11.82 -14.77
N LEU B 165 -0.13 -11.84 -16.03
CA LEU B 165 -0.06 -10.68 -16.91
C LEU B 165 -1.48 -10.26 -17.24
N CYS B 166 -1.84 -9.01 -16.92
CA CYS B 166 -3.16 -8.52 -17.28
C CYS B 166 -3.05 -7.15 -17.96
N GLY B 167 -4.13 -6.77 -18.64
CA GLY B 167 -4.25 -5.43 -19.15
C GLY B 167 -4.72 -5.43 -20.58
N ASP B 168 -4.54 -4.30 -21.24
CA ASP B 168 -4.98 -4.11 -22.61
C ASP B 168 -3.84 -4.53 -23.52
N LEU B 169 -3.92 -5.73 -24.09
CA LEU B 169 -2.85 -6.21 -24.94
C LEU B 169 -3.03 -5.79 -26.39
N ASN B 170 -4.13 -5.09 -26.69
CA ASN B 170 -4.35 -4.47 -27.99
C ASN B 170 -4.20 -5.47 -29.13
N VAL B 171 -4.75 -6.66 -28.93
CA VAL B 171 -4.81 -7.65 -30.00
C VAL B 171 -5.91 -8.64 -29.70
N ALA B 172 -6.73 -8.93 -30.72
CA ALA B 172 -7.64 -10.07 -30.68
C ALA B 172 -6.90 -11.26 -31.29
N HIS B 173 -6.66 -12.29 -30.46
CA HIS B 173 -5.81 -13.40 -30.86
C HIS B 173 -6.38 -14.14 -32.08
N GLU B 174 -7.65 -14.53 -32.02
CA GLU B 174 -8.24 -15.36 -33.08
C GLU B 174 -9.55 -14.73 -33.54
N GLU B 175 -10.14 -15.33 -34.57
CA GLU B 175 -11.38 -14.80 -35.14
C GLU B 175 -12.49 -14.71 -34.10
N ILE B 176 -12.56 -15.69 -33.19
CA ILE B 176 -13.60 -15.69 -32.17
C ILE B 176 -13.43 -14.53 -31.20
N ASP B 177 -12.30 -13.83 -31.23
CA ASP B 177 -12.02 -12.74 -30.30
C ASP B 177 -12.42 -11.38 -30.85
N LEU B 178 -13.10 -11.34 -31.99
CA LEU B 178 -13.70 -10.10 -32.44
C LEU B 178 -14.90 -10.41 -33.30
N ARG B 179 -15.79 -9.43 -33.41
CA ARG B 179 -17.03 -9.58 -34.16
C ARG B 179 -16.86 -9.54 -35.67
N ASN B 180 -15.96 -8.69 -36.15
CA ASN B 180 -15.72 -8.53 -37.59
C ASN B 180 -14.33 -9.00 -38.01
N PRO B 181 -13.95 -10.26 -37.82
CA PRO B 181 -12.58 -10.67 -38.20
C PRO B 181 -12.23 -10.36 -39.65
N LYS B 182 -13.15 -10.57 -40.60
CA LYS B 182 -12.76 -10.48 -42.01
C LYS B 182 -12.47 -9.04 -42.41
N GLY B 183 -13.22 -8.09 -41.89
CA GLY B 183 -12.95 -6.70 -42.22
C GLY B 183 -11.80 -6.05 -41.49
N ASN B 184 -11.16 -6.76 -40.55
CA ASN B 184 -10.14 -6.13 -39.73
C ASN B 184 -8.76 -6.73 -39.91
N LYS B 185 -8.56 -7.58 -40.92
CA LYS B 185 -7.31 -8.32 -40.98
C LYS B 185 -6.13 -7.45 -41.34
N LYS B 186 -6.35 -6.20 -41.80
CA LYS B 186 -5.26 -5.26 -41.94
C LYS B 186 -5.46 -4.01 -41.07
N ASN B 187 -6.23 -4.12 -39.98
CA ASN B 187 -6.39 -3.04 -39.03
C ASN B 187 -5.67 -3.37 -37.73
N ALA B 188 -5.30 -2.32 -37.00
CA ALA B 188 -4.63 -2.45 -35.70
C ALA B 188 -5.42 -3.38 -34.78
N GLY B 189 -4.74 -4.36 -34.21
CA GLY B 189 -5.33 -5.33 -33.31
C GLY B 189 -5.67 -6.67 -33.95
N PHE B 190 -5.62 -6.77 -35.28
CA PHE B 190 -5.88 -8.05 -35.94
C PHE B 190 -5.00 -8.26 -37.16
N THR B 191 -3.88 -7.56 -37.25
CA THR B 191 -2.93 -7.82 -38.32
C THR B 191 -2.30 -9.19 -38.11
N PRO B 192 -1.79 -9.81 -39.19
CA PRO B 192 -1.02 -11.05 -38.99
C PRO B 192 0.12 -10.87 -38.01
N GLN B 193 0.84 -9.76 -38.13
CA GLN B 193 1.97 -9.48 -37.25
C GLN B 193 1.54 -9.49 -35.79
N GLU B 194 0.42 -8.84 -35.47
CA GLU B 194 0.03 -8.72 -34.07
C GLU B 194 -0.48 -10.04 -33.53
N ARG B 195 -1.25 -10.77 -34.34
CA ARG B 195 -1.73 -12.08 -33.94
C ARG B 195 -0.57 -13.05 -33.73
N GLN B 196 0.46 -12.94 -34.59
CA GLN B 196 1.66 -13.76 -34.43
C GLN B 196 2.39 -13.43 -33.13
N GLY B 197 2.56 -12.13 -32.84
CA GLY B 197 3.19 -11.74 -31.58
C GLY B 197 2.47 -12.28 -30.36
N PHE B 198 1.13 -12.25 -30.37
CA PHE B 198 0.41 -12.83 -29.25
C PHE B 198 0.64 -14.33 -29.17
N GLY B 199 0.64 -15.02 -30.32
CA GLY B 199 0.97 -16.43 -30.31
C GLY B 199 2.36 -16.68 -29.78
N GLU B 200 3.34 -15.86 -30.20
CA GLU B 200 4.69 -15.99 -29.69
C GLU B 200 4.75 -15.75 -28.19
N LEU B 201 3.97 -14.80 -27.69
CA LEU B 201 3.97 -14.53 -26.26
C LEU B 201 3.47 -15.73 -25.47
N LEU B 202 2.36 -16.32 -25.92
CA LEU B 202 1.87 -17.53 -25.27
C LEU B 202 2.89 -18.66 -25.33
N GLN B 203 3.55 -18.81 -26.48
CA GLN B 203 4.45 -19.95 -26.67
C GLN B 203 5.75 -19.77 -25.90
N ALA B 204 6.32 -18.57 -25.91
CA ALA B 204 7.69 -18.39 -25.44
C ALA B 204 7.82 -18.25 -23.92
N VAL B 205 6.81 -17.74 -23.24
CA VAL B 205 7.04 -17.38 -21.83
C VAL B 205 7.10 -18.63 -20.96
N PRO B 206 6.15 -19.58 -21.03
CA PRO B 206 4.87 -19.67 -21.73
C PRO B 206 3.75 -19.11 -20.86
N LEU B 207 2.60 -18.81 -21.47
CA LEU B 207 1.43 -18.29 -20.77
C LEU B 207 0.18 -18.93 -21.34
N ALA B 208 -0.86 -19.02 -20.51
CA ALA B 208 -2.16 -19.49 -20.91
C ALA B 208 -3.17 -18.34 -20.82
N ASP B 209 -4.06 -18.28 -21.80
CA ASP B 209 -5.14 -17.29 -21.87
C ASP B 209 -6.26 -17.76 -20.94
N SER B 210 -6.36 -17.12 -19.76
CA SER B 210 -7.24 -17.61 -18.69
C SER B 210 -8.68 -17.76 -19.17
N PHE B 211 -9.20 -16.76 -19.87
CA PHE B 211 -10.59 -16.79 -20.29
C PHE B 211 -10.81 -17.87 -21.34
N ARG B 212 -9.94 -17.93 -22.35
CA ARG B 212 -10.10 -18.91 -23.41
C ARG B 212 -9.80 -20.31 -22.89
N HIS B 213 -8.93 -20.43 -21.90
CA HIS B 213 -8.69 -21.73 -21.29
C HIS B 213 -9.97 -22.29 -20.65
N LEU B 214 -10.76 -21.43 -20.03
CA LEU B 214 -11.99 -21.85 -19.36
C LEU B 214 -13.18 -21.94 -20.29
N TYR B 215 -13.25 -21.09 -21.31
CA TYR B 215 -14.39 -21.01 -22.23
C TYR B 215 -13.92 -21.14 -23.66
N PRO B 216 -13.36 -22.30 -24.03
CA PRO B 216 -12.77 -22.41 -25.38
C PRO B 216 -13.76 -22.23 -26.52
N ASN B 217 -15.07 -22.46 -26.31
CA ASN B 217 -16.07 -22.40 -27.37
C ASN B 217 -16.92 -21.14 -27.36
N THR B 218 -16.68 -20.20 -26.46
CA THR B 218 -17.64 -19.11 -26.27
C THR B 218 -17.36 -17.96 -27.23
N PRO B 219 -18.30 -17.60 -28.10
CA PRO B 219 -18.07 -16.47 -29.01
C PRO B 219 -18.72 -15.20 -28.48
N TYR B 220 -18.49 -14.08 -29.17
CA TYR B 220 -19.14 -12.80 -28.89
C TYR B 220 -18.74 -12.22 -27.53
N ALA B 221 -17.64 -12.69 -26.93
CA ALA B 221 -17.18 -12.21 -25.64
C ALA B 221 -16.08 -11.17 -25.86
N TYR B 222 -16.41 -9.90 -25.65
CA TYR B 222 -15.53 -8.79 -25.95
C TYR B 222 -15.30 -7.92 -24.72
N THR B 223 -14.23 -7.14 -24.78
CA THR B 223 -13.90 -6.19 -23.71
C THR B 223 -13.77 -4.77 -24.23
N PHE B 224 -13.87 -4.55 -25.54
CA PHE B 224 -13.74 -3.22 -26.12
C PHE B 224 -14.77 -3.04 -27.23
N TRP B 225 -15.36 -1.84 -27.30
CA TRP B 225 -16.26 -1.49 -28.39
C TRP B 225 -15.98 -0.04 -28.75
N THR B 226 -15.86 0.24 -30.04
CA THR B 226 -15.67 1.64 -30.43
C THR B 226 -16.86 2.48 -29.95
N TYR B 227 -16.55 3.69 -29.48
CA TYR B 227 -17.60 4.62 -29.09
C TYR B 227 -18.57 4.92 -30.22
N MET B 228 -18.16 4.71 -31.47
CA MET B 228 -18.94 5.16 -32.60
C MET B 228 -19.96 4.12 -33.04
N MET B 229 -20.92 4.57 -33.84
CA MET B 229 -21.84 3.70 -34.57
C MET B 229 -22.53 2.68 -33.68
N ASN B 230 -22.84 3.03 -32.42
CA ASN B 230 -23.68 2.21 -31.54
C ASN B 230 -23.02 0.90 -31.16
N ALA B 231 -21.71 0.77 -31.32
CA ALA B 231 -21.10 -0.56 -31.43
C ALA B 231 -21.30 -1.39 -30.16
N ARG B 232 -21.24 -0.75 -29.00
CA ARG B 232 -21.40 -1.49 -27.76
C ARG B 232 -22.81 -2.06 -27.62
N SER B 233 -23.83 -1.27 -27.97
CA SER B 233 -25.20 -1.78 -27.89
C SER B 233 -25.43 -2.91 -28.88
N LYS B 234 -24.68 -2.94 -29.97
CA LYS B 234 -24.74 -4.04 -30.92
C LYS B 234 -23.76 -5.16 -30.60
N ASN B 235 -22.91 -4.98 -29.58
CA ASN B 235 -21.87 -5.94 -29.22
C ASN B 235 -20.96 -6.22 -30.41
N VAL B 236 -20.66 -5.17 -31.16
CA VAL B 236 -19.64 -5.24 -32.20
C VAL B 236 -18.34 -4.78 -31.53
N GLY B 237 -17.61 -5.75 -30.99
CA GLY B 237 -16.40 -5.39 -30.29
C GLY B 237 -15.27 -6.39 -30.38
N TRP B 238 -14.22 -6.14 -29.60
CA TRP B 238 -13.01 -6.95 -29.61
C TRP B 238 -12.70 -7.41 -28.19
N ARG B 239 -12.08 -8.58 -28.07
CA ARG B 239 -11.51 -8.99 -26.79
C ARG B 239 -10.03 -8.58 -26.83
N LEU B 240 -9.73 -7.43 -26.23
CA LEU B 240 -8.38 -6.89 -26.18
C LEU B 240 -7.74 -6.99 -24.80
N ASP B 241 -8.52 -7.25 -23.76
CA ASP B 241 -8.03 -7.25 -22.39
C ASP B 241 -8.04 -8.67 -21.85
N TYR B 242 -6.92 -9.10 -21.26
CA TYR B 242 -6.64 -10.48 -20.92
C TYR B 242 -6.08 -10.58 -19.52
N PHE B 243 -6.25 -11.77 -18.93
CA PHE B 243 -5.40 -12.28 -17.87
C PHE B 243 -4.65 -13.47 -18.46
N LEU B 244 -3.35 -13.35 -18.64
CA LEU B 244 -2.51 -14.47 -19.06
C LEU B 244 -1.82 -15.06 -17.83
N LEU B 245 -1.67 -16.38 -17.80
CA LEU B 245 -1.21 -17.05 -16.58
C LEU B 245 -0.12 -18.05 -16.92
N SER B 246 0.85 -18.17 -16.02
CA SER B 246 1.80 -19.27 -16.07
C SER B 246 1.04 -20.60 -15.93
N HIS B 247 1.51 -21.63 -16.65
CA HIS B 247 0.83 -22.92 -16.57
CA HIS B 247 0.84 -22.93 -16.58
C HIS B 247 0.72 -23.43 -15.14
N SER B 248 1.71 -23.12 -14.29
CA SER B 248 1.67 -23.57 -12.90
C SER B 248 0.51 -22.99 -12.12
N LEU B 249 -0.08 -21.89 -12.59
CA LEU B 249 -1.19 -21.27 -11.89
C LEU B 249 -2.55 -21.79 -12.35
N LEU B 250 -2.60 -22.54 -13.46
CA LEU B 250 -3.86 -23.10 -13.92
C LEU B 250 -4.62 -23.90 -12.85
N PRO B 251 -3.99 -24.72 -12.00
CA PRO B 251 -4.76 -25.36 -10.92
C PRO B 251 -5.29 -24.38 -9.88
N ALA B 252 -4.78 -23.15 -9.85
CA ALA B 252 -5.34 -22.13 -8.96
C ALA B 252 -6.46 -21.33 -9.61
N LEU B 253 -6.63 -21.48 -10.93
CA LEU B 253 -7.59 -20.65 -11.65
C LEU B 253 -9.02 -21.01 -11.22
N CYS B 254 -9.76 -20.04 -10.68
CA CYS B 254 -11.17 -20.23 -10.36
C CYS B 254 -12.08 -19.73 -11.48
N ASP B 255 -11.85 -18.52 -11.96
CA ASP B 255 -12.63 -17.99 -13.06
C ASP B 255 -11.92 -16.77 -13.64
N SER B 256 -12.38 -16.35 -14.81
CA SER B 256 -11.86 -15.19 -15.52
C SER B 256 -13.07 -14.50 -16.14
N LYS B 257 -13.43 -13.32 -15.62
CA LYS B 257 -14.71 -12.70 -15.94
C LYS B 257 -14.57 -11.54 -16.91
N ILE B 258 -15.65 -11.28 -17.63
CA ILE B 258 -15.80 -10.11 -18.47
C ILE B 258 -17.02 -9.35 -17.95
N ARG B 259 -16.79 -8.15 -17.41
CA ARG B 259 -17.85 -7.37 -16.76
C ARG B 259 -18.50 -6.42 -17.78
N SER B 260 -19.25 -7.01 -18.72
CA SER B 260 -19.71 -6.23 -19.87
C SER B 260 -20.66 -5.10 -19.49
N LYS B 261 -21.33 -5.20 -18.33
CA LYS B 261 -22.34 -4.21 -17.94
C LYS B 261 -21.74 -2.97 -17.32
N ALA B 262 -20.48 -2.99 -16.88
CA ALA B 262 -19.91 -1.85 -16.18
C ALA B 262 -19.48 -0.78 -17.18
N LEU B 263 -20.01 0.43 -17.05
CA LEU B 263 -19.74 1.53 -17.96
C LEU B 263 -18.63 2.44 -17.43
N GLY B 264 -18.22 3.39 -18.27
CA GLY B 264 -17.21 4.36 -17.89
C GLY B 264 -16.03 4.49 -18.83
N SER B 265 -16.01 3.68 -19.90
CA SER B 265 -14.89 3.65 -20.84
C SER B 265 -15.37 2.92 -22.09
N ASP B 266 -14.56 2.97 -23.15
CA ASP B 266 -14.89 2.06 -24.26
C ASP B 266 -14.37 0.64 -24.03
N HIS B 267 -13.67 0.39 -22.92
CA HIS B 267 -13.38 -0.96 -22.44
C HIS B 267 -14.20 -1.25 -21.20
N CYS B 268 -14.55 -2.49 -21.04
CA CYS B 268 -15.18 -2.93 -19.80
C CYS B 268 -14.15 -3.62 -18.91
N PRO B 269 -14.43 -3.74 -17.61
CA PRO B 269 -13.49 -4.43 -16.71
C PRO B 269 -13.46 -5.93 -16.96
N ILE B 270 -12.35 -6.52 -16.56
CA ILE B 270 -12.24 -7.97 -16.47
C ILE B 270 -11.75 -8.29 -15.07
N THR B 271 -12.17 -9.45 -14.55
CA THR B 271 -11.86 -9.87 -13.19
C THR B 271 -11.36 -11.31 -13.17
N LEU B 272 -10.32 -11.54 -12.38
CA LEU B 272 -9.72 -12.86 -12.23
C LEU B 272 -9.91 -13.34 -10.80
N TYR B 273 -10.24 -14.62 -10.62
CA TYR B 273 -10.27 -15.25 -9.31
C TYR B 273 -9.22 -16.36 -9.26
N LEU B 274 -8.34 -16.29 -8.27
CA LEU B 274 -7.35 -17.34 -8.04
C LEU B 274 -7.47 -17.86 -6.62
N ALA B 275 -7.26 -19.17 -6.45
CA ALA B 275 -7.20 -19.81 -5.15
C ALA B 275 -5.73 -20.00 -4.82
N LEU B 276 -5.18 -19.10 -4.01
CA LEU B 276 -3.74 -19.08 -3.79
C LEU B 276 -3.34 -19.41 -2.35
O5' 3DR C 1 16.57 2.32 18.24
P 3DR C 1 15.05 2.16 17.85
OP1 3DR C 1 14.37 3.38 18.37
OP2 3DR C 1 14.54 0.92 18.60
OP3 3DR C 1 15.02 1.91 16.33
C2' 3DR C 1 18.80 4.97 20.95
C5' 3DR C 1 16.94 2.70 19.58
C4' 3DR C 1 18.38 3.07 19.47
O4' 3DR C 1 18.47 4.26 18.69
C1' 3DR C 1 18.83 5.38 19.52
C3' 3DR C 1 18.96 3.46 20.86
O3' 3DR C 1 20.33 3.13 20.74
MG MG F . 14.76 -0.97 17.77
C1 EDO G . 10.18 1.58 35.21
O1 EDO G . 10.80 1.27 36.47
C2 EDO G . 10.68 0.62 34.14
O2 EDO G . 10.48 -0.74 34.52
C1 EDO H . 1.92 -8.38 -26.06
O1 EDO H . 3.10 -7.79 -26.63
C2 EDO H . 0.96 -8.78 -27.18
O2 EDO H . 1.54 -9.85 -27.94
#